data_3EEL
#
_entry.id   3EEL
#
_cell.length_a   42.830
_cell.length_b   42.830
_cell.length_c   230.984
_cell.angle_alpha   90.000
_cell.angle_beta   90.000
_cell.angle_gamma   90.000
#
_symmetry.space_group_name_H-M   'P 41'
#
loop_
_entity.id
_entity.type
_entity.pdbx_description
1 polymer 'Dihydrofolate reductase'
2 non-polymer 'NADPH DIHYDRO-NICOTINAMIDE-ADENINE-DINUCLEOTIDE PHOSPHATE'
3 non-polymer "5-[(3R)-3-(5-methoxy-3',5'-dimethylbiphenyl-3-yl)but-1-yn-1-yl]-6-methylpyrimidine-2,4-diamine"
4 water water
#
_entity_poly.entity_id   1
_entity_poly.type   'polypeptide(L)'
_entity_poly.pdbx_seq_one_letter_code
;MSKVPVVGIVAALLPEMGIGFQGNLPWRLAKEMKYFREVTTLTNDNSKQNVVIMGRKTWESIPQKFRPLPKRINVVVSRS
FDGELRKVEDGIYHSNSLRNCLTALQSSLANENKIERIYIIGGGEIYRQSMDLADHWLITKIMPLPETTIPQMDTFLQKQ
ELEQRFYDNSDKLVDFLPSSIQLEGRLTSQEWNGELVKGLPVQEKGYQFYFTLYTKKLEHHHHHHHH
;
_entity_poly.pdbx_strand_id   A,B
#
# COMPACT_ATOMS: atom_id res chain seq x y z
N LYS A 3 -1.20 12.46 -12.06
CA LYS A 3 -1.39 13.11 -13.39
C LYS A 3 -0.83 12.31 -14.56
N VAL A 4 0.37 11.74 -14.42
CA VAL A 4 0.81 10.78 -15.46
C VAL A 4 0.41 9.33 -15.05
N PRO A 5 -0.10 8.55 -16.02
CA PRO A 5 -0.52 7.19 -15.62
C PRO A 5 0.63 6.35 -15.08
N VAL A 6 0.33 5.58 -14.04
CA VAL A 6 1.24 4.59 -13.44
C VAL A 6 0.67 3.20 -13.81
N VAL A 7 1.48 2.43 -14.50
CA VAL A 7 1.09 1.17 -15.15
C VAL A 7 2.09 0.10 -14.74
N GLY A 8 1.59 -0.95 -14.08
CA GLY A 8 2.44 -2.11 -13.76
C GLY A 8 2.44 -2.93 -15.02
N ILE A 9 3.60 -3.50 -15.33
CA ILE A 9 3.72 -4.33 -16.52
C ILE A 9 4.53 -5.57 -16.13
N VAL A 10 3.97 -6.74 -16.45
CA VAL A 10 4.40 -8.03 -15.90
C VAL A 10 4.05 -9.18 -16.87
N ALA A 11 4.88 -10.21 -16.86
CA ALA A 11 4.64 -11.44 -17.62
C ALA A 11 4.41 -12.56 -16.58
N ALA A 12 3.26 -13.20 -16.63
CA ALA A 12 2.88 -14.16 -15.56
C ALA A 12 2.28 -15.43 -16.14
N LEU A 13 2.66 -16.56 -15.55
CA LEU A 13 2.21 -17.88 -15.99
C LEU A 13 0.95 -18.29 -15.25
N LEU A 14 -0.11 -18.55 -16.00
CA LEU A 14 -1.39 -18.98 -15.41
C LEU A 14 -1.28 -20.44 -14.90
N PRO A 15 -2.12 -20.86 -13.93
CA PRO A 15 -3.12 -20.07 -13.21
C PRO A 15 -2.63 -19.37 -11.94
N GLU A 16 -1.44 -19.69 -11.45
CA GLU A 16 -0.94 -19.06 -10.18
C GLU A 16 -0.29 -17.68 -10.36
N MET A 17 -0.05 -17.27 -11.63
CA MET A 17 0.60 -15.98 -11.96
C MET A 17 2.04 -15.95 -11.41
N GLY A 18 2.76 -17.06 -11.64
CA GLY A 18 4.19 -17.13 -11.30
C GLY A 18 4.91 -16.20 -12.24
N ILE A 19 5.95 -15.50 -11.74
CA ILE A 19 6.69 -14.49 -12.53
C ILE A 19 8.22 -14.70 -12.51
N GLY A 20 8.72 -15.59 -11.66
CA GLY A 20 10.17 -15.73 -11.49
C GLY A 20 10.56 -17.00 -10.75
N PHE A 21 11.83 -17.35 -10.86
CA PHE A 21 12.46 -18.46 -10.16
C PHE A 21 13.96 -18.17 -9.95
N GLN A 22 14.38 -18.22 -8.71
CA GLN A 22 15.81 -18.04 -8.38
C GLN A 22 16.42 -16.79 -8.99
N GLY A 23 15.67 -15.68 -8.93
CA GLY A 23 16.16 -14.36 -9.38
C GLY A 23 16.08 -14.10 -10.88
N ASN A 24 15.60 -15.09 -11.66
CA ASN A 24 15.45 -15.00 -13.13
C ASN A 24 14.03 -15.20 -13.61
N LEU A 25 13.77 -14.72 -14.82
CA LEU A 25 12.54 -15.00 -15.56
C LEU A 25 12.49 -16.53 -15.88
N PRO A 26 11.34 -17.17 -15.70
CA PRO A 26 11.28 -18.65 -15.93
C PRO A 26 11.16 -19.11 -17.41
N TRP A 27 11.17 -18.14 -18.32
CA TRP A 27 11.11 -18.42 -19.75
C TRP A 27 11.94 -17.33 -20.48
N ARG A 28 12.27 -17.61 -21.73
CA ARG A 28 13.03 -16.70 -22.56
C ARG A 28 12.22 -16.62 -23.85
N LEU A 29 11.40 -15.59 -23.95
CA LEU A 29 10.47 -15.46 -25.06
C LEU A 29 10.73 -14.13 -25.73
N ALA A 30 11.38 -14.21 -26.90
CA ALA A 30 11.81 -13.01 -27.62
C ALA A 30 10.65 -12.09 -28.03
N LYS A 31 9.49 -12.68 -28.35
CA LYS A 31 8.33 -11.89 -28.74
C LYS A 31 7.68 -11.14 -27.56
N GLU A 32 7.75 -11.77 -26.39
CA GLU A 32 7.17 -11.17 -25.19
C GLU A 32 8.10 -10.02 -24.79
N MET A 33 9.40 -10.28 -24.84
CA MET A 33 10.43 -9.28 -24.57
C MET A 33 10.35 -8.06 -25.54
N LYS A 34 10.09 -8.31 -26.83
CA LYS A 34 9.86 -7.23 -27.82
C LYS A 34 8.62 -6.37 -27.47
N TYR A 35 7.52 -7.02 -27.08
CA TYR A 35 6.38 -6.29 -26.53
C TYR A 35 6.77 -5.41 -25.36
N PHE A 36 7.47 -5.97 -24.36
CA PHE A 36 7.84 -5.22 -23.14
C PHE A 36 8.71 -3.99 -23.57
N ARG A 37 9.70 -4.27 -24.43
CA ARG A 37 10.59 -3.25 -24.96
C ARG A 37 9.82 -2.12 -25.68
N GLU A 38 8.99 -2.49 -26.64
CA GLU A 38 8.23 -1.49 -27.40
C GLU A 38 7.29 -0.67 -26.53
N VAL A 39 6.54 -1.34 -25.66
CA VAL A 39 5.50 -0.66 -24.82
C VAL A 39 6.13 0.35 -23.90
N THR A 40 7.19 -0.09 -23.24
CA THR A 40 7.85 0.77 -22.26
C THR A 40 8.70 1.89 -22.89
N THR A 41 9.17 1.67 -24.12
CA THR A 41 10.00 2.67 -24.82
C THR A 41 9.15 3.67 -25.56
N LEU A 42 8.22 3.16 -26.38
CA LEU A 42 7.41 4.02 -27.23
C LEU A 42 6.50 5.04 -26.50
N THR A 43 6.45 6.25 -27.07
CA THR A 43 5.51 7.26 -26.62
C THR A 43 4.62 7.77 -27.79
N ASN A 44 3.44 8.25 -27.43
CA ASN A 44 2.59 8.97 -28.37
C ASN A 44 3.19 10.34 -28.69
N ASP A 45 3.73 11.01 -27.69
CA ASP A 45 4.39 12.29 -27.87
C ASP A 45 5.91 12.13 -27.95
N ASN A 46 6.47 12.50 -29.11
CA ASN A 46 7.90 12.36 -29.41
C ASN A 46 8.91 13.09 -28.56
N SER A 47 8.43 14.05 -27.79
CA SER A 47 9.26 14.93 -26.97
C SER A 47 9.31 14.36 -25.56
N LYS A 48 8.54 13.30 -25.33
CA LYS A 48 8.53 12.68 -23.99
C LYS A 48 9.25 11.31 -23.95
N GLN A 49 9.55 10.84 -22.75
CA GLN A 49 10.01 9.46 -22.55
C GLN A 49 9.15 8.87 -21.46
N ASN A 50 9.14 7.54 -21.37
CA ASN A 50 8.60 6.89 -20.17
C ASN A 50 9.68 6.64 -19.10
N VAL A 51 9.19 6.50 -17.86
CA VAL A 51 9.99 6.04 -16.74
C VAL A 51 9.75 4.53 -16.58
N VAL A 52 10.82 3.81 -16.23
CA VAL A 52 10.65 2.44 -15.72
C VAL A 52 11.21 2.38 -14.32
N ILE A 53 10.38 1.91 -13.40
CA ILE A 53 10.76 1.77 -12.01
C ILE A 53 10.91 0.29 -11.65
N MET A 54 12.01 -0.02 -10.99
CA MET A 54 12.28 -1.41 -10.58
C MET A 54 12.98 -1.56 -9.21
N GLY A 55 12.71 -2.69 -8.58
CA GLY A 55 13.40 -3.04 -7.34
C GLY A 55 14.86 -3.41 -7.60
N ARG A 56 15.68 -3.23 -6.58
CA ARG A 56 17.11 -3.47 -6.70
C ARG A 56 17.45 -4.88 -7.22
N LYS A 57 16.73 -5.91 -6.75
CA LYS A 57 17.06 -7.26 -7.17
C LYS A 57 16.76 -7.49 -8.67
N THR A 58 15.69 -6.86 -9.15
CA THR A 58 15.35 -6.92 -10.57
C THR A 58 16.45 -6.24 -11.42
N TRP A 59 16.90 -5.07 -10.97
CA TRP A 59 18.03 -4.37 -11.63
C TRP A 59 19.26 -5.29 -11.82
N GLU A 60 19.60 -5.99 -10.75
CA GLU A 60 20.75 -6.86 -10.67
C GLU A 60 20.67 -8.03 -11.63
N SER A 61 19.43 -8.40 -12.01
CA SER A 61 19.23 -9.48 -12.95
C SER A 61 19.22 -9.10 -14.40
N ILE A 62 19.07 -7.81 -14.71
CA ILE A 62 19.12 -7.40 -16.10
C ILE A 62 20.59 -7.61 -16.57
N PRO A 63 20.81 -8.29 -17.71
CA PRO A 63 22.21 -8.40 -18.18
C PRO A 63 22.90 -7.04 -18.22
N GLN A 64 24.12 -6.98 -17.68
CA GLN A 64 24.92 -5.72 -17.64
C GLN A 64 25.08 -4.97 -18.97
N LYS A 65 25.19 -5.70 -20.08
CA LYS A 65 25.23 -5.12 -21.43
C LYS A 65 23.97 -4.30 -21.74
N PHE A 66 22.86 -4.67 -21.12
CA PHE A 66 21.55 -4.18 -21.55
C PHE A 66 20.92 -3.18 -20.58
N ARG A 67 21.65 -2.83 -19.52
CA ARG A 67 21.18 -1.85 -18.52
C ARG A 67 22.11 -0.61 -18.41
N PRO A 68 21.53 0.60 -18.18
CA PRO A 68 20.09 0.84 -18.01
C PRO A 68 19.34 0.62 -19.32
N LEU A 69 18.06 0.28 -19.21
CA LEU A 69 17.24 0.05 -20.39
C LEU A 69 17.24 1.33 -21.23
N PRO A 70 17.71 1.24 -22.50
CA PRO A 70 17.78 2.42 -23.35
C PRO A 70 16.45 3.14 -23.59
N LYS A 71 16.56 4.47 -23.76
CA LYS A 71 15.47 5.33 -24.26
C LYS A 71 14.34 5.54 -23.21
N ARG A 72 14.59 5.11 -21.98
CA ARG A 72 13.65 5.26 -20.87
C ARG A 72 14.41 5.72 -19.67
N ILE A 73 13.77 6.55 -18.86
CA ILE A 73 14.35 6.90 -17.57
C ILE A 73 14.27 5.68 -16.60
N ASN A 74 15.43 5.17 -16.13
CA ASN A 74 15.43 3.99 -15.22
C ASN A 74 15.52 4.48 -13.79
N VAL A 75 14.68 3.91 -12.92
CA VAL A 75 14.71 4.22 -11.50
C VAL A 75 14.83 2.89 -10.76
N VAL A 76 15.86 2.79 -9.93
CA VAL A 76 16.10 1.60 -9.12
C VAL A 76 15.82 1.95 -7.63
N VAL A 77 15.05 1.12 -6.93
CA VAL A 77 14.72 1.42 -5.55
C VAL A 77 15.35 0.43 -4.60
N SER A 78 15.97 0.98 -3.59
CA SER A 78 16.66 0.18 -2.59
C SER A 78 16.51 0.91 -1.30
N ARG A 79 16.24 0.19 -0.24
CA ARG A 79 16.15 0.89 1.06
C ARG A 79 17.50 1.37 1.56
N SER A 80 18.58 0.96 0.91
CA SER A 80 19.92 1.45 1.30
C SER A 80 20.37 2.72 0.54
N PHE A 81 19.52 3.22 -0.36
CA PHE A 81 19.80 4.43 -1.14
C PHE A 81 19.48 5.69 -0.30
N ASP A 82 19.85 6.88 -0.82
CA ASP A 82 19.86 8.15 -0.04
C ASP A 82 18.55 8.95 0.18
N GLY A 83 17.67 9.03 -0.81
CA GLY A 83 16.34 9.62 -0.66
C GLY A 83 15.78 9.52 -2.03
N GLU A 84 14.83 10.35 -2.44
CA GLU A 84 13.50 9.83 -2.71
C GLU A 84 13.62 9.76 -4.24
N LEU A 85 14.60 10.49 -4.80
CA LEU A 85 14.85 10.47 -6.25
C LEU A 85 16.14 11.23 -6.62
N ARG A 86 17.20 10.49 -6.84
CA ARG A 86 18.48 11.09 -7.05
C ARG A 86 19.13 10.56 -8.31
N LYS A 87 19.57 11.47 -9.19
CA LYS A 87 20.40 11.07 -10.32
C LYS A 87 21.73 10.45 -9.87
N VAL A 88 22.06 9.27 -10.36
CA VAL A 88 23.34 8.66 -10.02
C VAL A 88 24.27 8.40 -11.22
N GLU A 89 23.71 8.32 -12.43
CA GLU A 89 24.49 8.16 -13.64
C GLU A 89 23.54 8.50 -14.75
N ASP A 90 24.06 8.62 -15.97
CA ASP A 90 23.20 8.95 -17.10
C ASP A 90 22.19 7.83 -17.26
N GLY A 91 20.91 8.20 -17.22
CA GLY A 91 19.83 7.25 -17.41
C GLY A 91 19.37 6.55 -16.16
N ILE A 92 20.07 6.80 -15.04
CA ILE A 92 19.85 6.10 -13.77
C ILE A 92 19.56 7.03 -12.58
N TYR A 93 18.41 6.79 -11.99
CA TYR A 93 18.00 7.45 -10.75
C TYR A 93 17.91 6.38 -9.69
N HIS A 94 18.36 6.74 -8.49
CA HIS A 94 18.19 5.94 -7.29
C HIS A 94 17.14 6.52 -6.35
N SER A 95 16.26 5.66 -5.83
CA SER A 95 15.29 6.05 -4.80
C SER A 95 15.28 5.09 -3.59
N ASN A 96 15.06 5.62 -2.39
CA ASN A 96 14.85 4.77 -1.20
C ASN A 96 13.39 4.53 -0.84
N SER A 97 12.50 4.92 -1.75
CA SER A 97 11.08 4.76 -1.50
C SER A 97 10.28 4.69 -2.80
N LEU A 98 9.66 3.54 -3.07
CA LEU A 98 8.73 3.41 -4.23
C LEU A 98 7.68 4.51 -4.21
N ARG A 99 7.05 4.70 -3.05
CA ARG A 99 6.00 5.72 -2.90
C ARG A 99 6.46 7.15 -3.14
N ASN A 100 7.55 7.53 -2.48
CA ASN A 100 8.04 8.93 -2.58
C ASN A 100 8.64 9.22 -3.98
N CYS A 101 9.29 8.19 -4.55
CA CYS A 101 9.70 8.21 -5.94
C CYS A 101 8.54 8.58 -6.87
N LEU A 102 7.39 7.91 -6.76
CA LEU A 102 6.26 8.23 -7.63
C LEU A 102 5.73 9.67 -7.42
N THR A 103 5.57 10.09 -6.18
CA THR A 103 5.23 11.50 -5.89
C THR A 103 6.25 12.48 -6.52
N ALA A 104 7.54 12.17 -6.40
CA ALA A 104 8.56 13.03 -6.96
C ALA A 104 8.46 13.08 -8.49
N LEU A 105 8.26 11.92 -9.11
CA LEU A 105 8.13 11.86 -10.59
C LEU A 105 6.90 12.60 -11.14
N GLN A 106 5.87 12.74 -10.33
CA GLN A 106 4.62 13.41 -10.70
C GLN A 106 4.68 14.95 -10.64
N SER A 107 5.66 15.50 -9.92
CA SER A 107 5.87 16.94 -9.88
C SER A 107 6.10 17.53 -11.30
N SER A 108 5.17 18.37 -11.77
CA SER A 108 5.27 19.04 -13.09
C SER A 108 6.49 19.96 -13.14
N LEU A 109 6.84 20.52 -11.99
CA LEU A 109 8.01 21.36 -11.90
C LEU A 109 9.31 20.57 -12.13
N ALA A 110 9.36 19.36 -11.58
CA ALA A 110 10.56 18.53 -11.74
C ALA A 110 10.59 17.85 -13.10
N ASN A 111 9.40 17.48 -13.58
CA ASN A 111 9.29 16.63 -14.79
C ASN A 111 9.04 17.41 -16.10
N GLU A 112 8.76 18.71 -15.97
CA GLU A 112 8.50 19.64 -17.10
C GLU A 112 7.43 19.07 -18.04
N ASN A 113 6.53 18.26 -17.49
CA ASN A 113 5.59 17.47 -18.27
C ASN A 113 6.22 16.79 -19.50
N LYS A 114 7.44 16.25 -19.36
CA LYS A 114 8.08 15.46 -20.43
C LYS A 114 8.19 13.89 -20.21
N ILE A 115 7.43 13.33 -19.24
CA ILE A 115 7.24 11.85 -19.03
C ILE A 115 5.79 11.77 -19.51
N GLU A 116 5.52 10.97 -20.55
CA GLU A 116 4.32 10.14 -20.72
C GLU A 116 3.68 9.18 -19.73
N ARG A 117 4.35 8.08 -19.40
CA ARG A 117 3.84 7.13 -18.41
C ARG A 117 4.99 6.68 -17.55
N ILE A 118 4.60 6.18 -16.39
CA ILE A 118 5.49 5.57 -15.46
C ILE A 118 5.10 4.08 -15.43
N TYR A 119 6.00 3.24 -15.93
CA TYR A 119 5.89 1.78 -15.87
C TYR A 119 6.67 1.21 -14.67
N ILE A 120 5.96 0.41 -13.90
CA ILE A 120 6.57 -0.37 -12.83
C ILE A 120 6.82 -1.79 -13.38
N ILE A 121 8.11 -2.12 -13.45
CA ILE A 121 8.59 -3.30 -14.22
C ILE A 121 9.09 -4.45 -13.34
N GLY A 122 8.84 -4.40 -12.04
CA GLY A 122 9.13 -5.58 -11.18
C GLY A 122 10.10 -5.29 -10.06
N GLY A 123 10.37 -6.25 -9.18
CA GLY A 123 9.88 -7.65 -9.30
C GLY A 123 8.80 -7.90 -8.27
N GLY A 124 8.85 -9.07 -7.61
CA GLY A 124 7.74 -9.56 -6.76
C GLY A 124 7.36 -8.57 -5.66
N GLU A 125 8.37 -8.15 -4.91
CA GLU A 125 8.16 -7.28 -3.76
C GLU A 125 7.64 -5.90 -4.19
N ILE A 126 8.19 -5.36 -5.28
CA ILE A 126 7.68 -4.11 -5.88
C ILE A 126 6.23 -4.21 -6.33
N TYR A 127 5.89 -5.22 -7.11
CA TYR A 127 4.49 -5.46 -7.52
C TYR A 127 3.47 -5.59 -6.37
N ARG A 128 3.86 -6.27 -5.27
CA ARG A 128 3.04 -6.40 -4.06
C ARG A 128 2.60 -5.02 -3.54
N GLN A 129 3.57 -4.11 -3.50
CA GLN A 129 3.37 -2.73 -3.07
C GLN A 129 2.70 -1.85 -4.15
N SER A 130 2.48 -2.36 -5.36
CA SER A 130 2.00 -1.50 -6.43
C SER A 130 0.52 -1.67 -6.70
N MET A 131 -0.13 -2.62 -6.05
CA MET A 131 -1.56 -2.83 -6.26
C MET A 131 -2.37 -1.58 -5.95
N ASP A 132 -1.96 -0.84 -4.93
CA ASP A 132 -2.72 0.37 -4.59
C ASP A 132 -2.16 1.63 -5.19
N LEU A 133 -1.16 1.50 -6.05
CA LEU A 133 -0.52 2.65 -6.67
C LEU A 133 -0.76 2.71 -8.16
N ALA A 134 -0.89 1.56 -8.82
CA ALA A 134 -1.03 1.53 -10.26
C ALA A 134 -2.42 1.88 -10.70
N ASP A 135 -2.52 2.57 -11.83
CA ASP A 135 -3.81 2.89 -12.42
C ASP A 135 -4.27 1.75 -13.33
N HIS A 136 -3.31 0.97 -13.86
CA HIS A 136 -3.59 -0.07 -14.82
C HIS A 136 -2.54 -1.15 -14.60
N TRP A 137 -2.81 -2.36 -15.12
CA TRP A 137 -1.79 -3.42 -15.23
C TRP A 137 -1.79 -3.93 -16.65
N LEU A 138 -0.61 -3.97 -17.24
CA LEU A 138 -0.43 -4.66 -18.51
C LEU A 138 0.14 -6.04 -18.14
N ILE A 139 -0.69 -7.08 -18.24
CA ILE A 139 -0.29 -8.42 -17.91
C ILE A 139 -0.24 -9.31 -19.12
N THR A 140 0.92 -9.90 -19.35
CA THR A 140 1.03 -10.98 -20.32
C THR A 140 0.72 -12.33 -19.62
N LYS A 141 -0.39 -12.95 -19.99
CA LYS A 141 -0.83 -14.18 -19.35
C LYS A 141 -0.24 -15.34 -20.17
N ILE A 142 0.60 -16.12 -19.53
CA ILE A 142 1.36 -17.14 -20.22
C ILE A 142 0.80 -18.54 -19.86
N MET A 143 0.60 -19.39 -20.86
CA MET A 143 0.14 -20.75 -20.62
C MET A 143 1.03 -21.74 -21.35
N PRO A 144 1.50 -22.80 -20.65
CA PRO A 144 2.26 -23.88 -21.34
C PRO A 144 1.32 -24.57 -22.33
N LEU A 145 1.76 -24.79 -23.56
CA LEU A 145 0.97 -25.59 -24.52
C LEU A 145 0.87 -27.07 -24.04
N PRO A 146 -0.12 -27.85 -24.54
CA PRO A 146 -0.34 -29.16 -23.95
C PRO A 146 0.90 -30.01 -23.71
N GLU A 147 1.90 -29.97 -24.58
CA GLU A 147 3.07 -30.84 -24.30
C GLU A 147 4.19 -30.22 -23.44
N THR A 148 3.93 -29.05 -22.86
CA THR A 148 5.00 -28.28 -22.26
C THR A 148 5.07 -28.48 -20.78
N THR A 149 6.27 -28.79 -20.27
CA THR A 149 6.51 -28.86 -18.84
C THR A 149 6.31 -27.47 -18.17
N ILE A 150 5.39 -27.38 -17.22
CA ILE A 150 5.27 -26.18 -16.40
C ILE A 150 6.59 -25.85 -15.69
N PRO A 151 7.13 -24.61 -15.87
CA PRO A 151 8.40 -24.31 -15.21
C PRO A 151 8.20 -24.14 -13.71
N GLN A 152 9.24 -24.39 -12.95
CA GLN A 152 9.25 -24.16 -11.50
C GLN A 152 9.33 -22.65 -11.26
N MET A 153 8.67 -22.19 -10.21
CA MET A 153 8.62 -20.76 -9.90
C MET A 153 8.41 -20.53 -8.39
N ASP A 154 8.71 -19.32 -7.88
CA ASP A 154 9.18 -19.07 -6.50
C ASP A 154 8.63 -17.65 -6.14
N THR A 155 8.10 -16.98 -7.17
CA THR A 155 7.62 -15.59 -7.07
C THR A 155 6.35 -15.45 -7.89
N PHE A 156 5.37 -14.76 -7.31
CA PHE A 156 4.02 -14.72 -7.87
C PHE A 156 3.40 -13.30 -7.80
N LEU A 157 2.60 -12.97 -8.82
CA LEU A 157 1.77 -11.77 -8.80
C LEU A 157 0.63 -12.05 -7.79
N GLN A 158 0.17 -11.03 -7.08
CA GLN A 158 -0.95 -11.22 -6.14
C GLN A 158 -2.28 -11.13 -6.89
N LYS A 159 -2.72 -12.27 -7.43
CA LYS A 159 -3.90 -12.34 -8.27
C LYS A 159 -5.16 -11.94 -7.47
N GLN A 160 -5.24 -12.31 -6.19
CA GLN A 160 -6.45 -11.99 -5.39
C GLN A 160 -6.60 -10.48 -5.40
N GLU A 161 -5.51 -9.81 -5.08
CA GLU A 161 -5.58 -8.37 -4.98
C GLU A 161 -5.70 -7.56 -6.29
N LEU A 162 -4.98 -7.90 -7.35
CA LEU A 162 -5.51 -7.78 -8.71
C LEU A 162 -7.00 -7.78 -8.98
N GLU A 163 -7.64 -8.91 -8.75
CA GLU A 163 -9.01 -8.96 -9.16
C GLU A 163 -10.06 -8.43 -8.18
N GLN A 164 -9.78 -8.28 -6.90
CA GLN A 164 -10.23 -7.13 -6.12
C GLN A 164 -10.34 -5.74 -6.68
N ARG A 165 -9.26 -5.20 -7.22
CA ARG A 165 -9.15 -3.77 -7.45
C ARG A 165 -9.35 -3.40 -8.90
N PHE A 166 -9.06 -4.37 -9.78
CA PHE A 166 -9.04 -4.15 -11.23
C PHE A 166 -9.97 -5.07 -11.97
N TYR A 167 -10.39 -4.67 -13.15
CA TYR A 167 -11.17 -5.55 -13.99
C TYR A 167 -10.38 -5.73 -15.30
N ASP A 168 -10.66 -6.84 -15.97
CA ASP A 168 -10.10 -7.15 -17.27
C ASP A 168 -10.69 -6.16 -18.30
N ASN A 169 -9.83 -5.25 -18.73
CA ASN A 169 -10.20 -4.19 -19.71
C ASN A 169 -9.54 -4.48 -21.05
N SER A 170 -9.34 -5.75 -21.38
CA SER A 170 -8.51 -6.08 -22.55
C SER A 170 -9.16 -5.69 -23.87
N ASP A 171 -10.49 -5.52 -23.89
CA ASP A 171 -11.16 -4.94 -25.08
C ASP A 171 -10.56 -3.61 -25.51
N LYS A 172 -10.03 -2.85 -24.55
CA LYS A 172 -9.40 -1.56 -24.86
C LYS A 172 -7.86 -1.61 -24.94
N LEU A 173 -7.25 -2.80 -24.95
CA LEU A 173 -5.77 -2.85 -25.01
C LEU A 173 -5.15 -2.11 -26.21
N VAL A 174 -5.66 -2.36 -27.41
CA VAL A 174 -5.11 -1.74 -28.63
C VAL A 174 -5.06 -0.22 -28.56
N ASP A 175 -6.17 0.36 -28.16
CA ASP A 175 -6.29 1.77 -27.93
C ASP A 175 -5.37 2.32 -26.83
N PHE A 176 -5.02 1.48 -25.85
CA PHE A 176 -4.21 1.91 -24.70
C PHE A 176 -2.71 1.94 -25.02
N LEU A 177 -2.28 1.07 -25.93
CA LEU A 177 -0.86 1.00 -26.29
C LEU A 177 -0.42 2.20 -27.14
N PRO A 178 0.88 2.54 -27.05
CA PRO A 178 1.30 3.67 -27.86
C PRO A 178 0.91 3.39 -29.32
N SER A 179 0.42 4.43 -30.00
CA SER A 179 -0.23 4.24 -31.29
C SER A 179 0.65 3.55 -32.32
N SER A 180 1.96 3.61 -32.18
CA SER A 180 2.81 3.07 -33.23
C SER A 180 3.08 1.57 -33.14
N ILE A 181 2.72 0.94 -32.02
CA ILE A 181 3.00 -0.49 -31.86
C ILE A 181 2.18 -1.29 -32.87
N GLN A 182 2.74 -2.39 -33.36
CA GLN A 182 1.96 -3.29 -34.20
C GLN A 182 1.96 -4.70 -33.59
N LEU A 183 0.75 -5.21 -33.35
CA LEU A 183 0.55 -6.49 -32.69
C LEU A 183 0.07 -7.52 -33.72
N GLU A 184 0.50 -8.77 -33.58
CA GLU A 184 0.18 -9.81 -34.57
C GLU A 184 -1.21 -10.43 -34.37
N GLY A 185 -1.66 -10.54 -33.13
CA GLY A 185 -2.96 -11.13 -32.85
C GLY A 185 -4.17 -10.24 -33.17
N ARG A 186 -5.35 -10.86 -33.16
CA ARG A 186 -6.62 -10.16 -33.03
C ARG A 186 -7.20 -10.57 -31.69
N LEU A 187 -8.04 -9.71 -31.12
CA LEU A 187 -8.62 -9.98 -29.83
C LEU A 187 -9.58 -11.18 -29.72
N THR A 188 -9.55 -11.94 -28.61
CA THR A 188 -9.66 -13.46 -28.66
C THR A 188 -9.97 -13.78 -27.19
N SER A 189 -11.08 -14.49 -26.94
CA SER A 189 -11.51 -14.89 -25.58
C SER A 189 -11.54 -16.41 -25.49
N GLN A 190 -10.71 -16.99 -24.64
CA GLN A 190 -10.58 -18.41 -24.62
C GLN A 190 -10.60 -18.93 -23.20
N GLU A 191 -11.25 -20.07 -23.02
CA GLU A 191 -11.22 -20.66 -21.71
C GLU A 191 -9.96 -21.48 -21.50
N TRP A 192 -9.38 -21.33 -20.32
CA TRP A 192 -8.18 -22.09 -19.99
C TRP A 192 -8.15 -22.44 -18.51
N ASN A 193 -8.25 -23.74 -18.25
CA ASN A 193 -8.42 -24.29 -16.91
C ASN A 193 -9.42 -23.54 -16.01
N GLY A 194 -10.60 -23.32 -16.57
CA GLY A 194 -11.66 -22.75 -15.78
C GLY A 194 -11.64 -21.24 -15.63
N GLU A 195 -10.70 -20.56 -16.29
CA GLU A 195 -10.71 -19.09 -16.32
C GLU A 195 -10.84 -18.48 -17.73
N LEU A 196 -11.48 -17.32 -17.82
CA LEU A 196 -11.56 -16.58 -19.08
C LEU A 196 -10.26 -15.76 -19.34
N VAL A 197 -9.65 -16.06 -20.48
CA VAL A 197 -8.40 -15.44 -20.93
C VAL A 197 -8.72 -14.68 -22.18
N LYS A 198 -8.63 -13.36 -22.09
CA LYS A 198 -8.99 -12.47 -23.17
C LYS A 198 -7.85 -11.47 -23.44
N GLY A 199 -7.48 -11.32 -24.72
CA GLY A 199 -6.42 -10.38 -25.08
C GLY A 199 -5.90 -10.69 -26.46
N LEU A 200 -4.63 -10.34 -26.70
CA LEU A 200 -4.00 -10.58 -28.00
C LEU A 200 -3.00 -11.75 -27.96
N PRO A 201 -3.31 -12.86 -28.67
CA PRO A 201 -2.63 -14.18 -28.62
C PRO A 201 -1.28 -13.99 -29.37
N VAL A 202 -0.18 -14.44 -28.79
CA VAL A 202 0.89 -15.17 -29.43
C VAL A 202 1.34 -16.54 -28.98
N GLN A 203 1.99 -17.26 -29.90
CA GLN A 203 2.70 -18.50 -29.55
C GLN A 203 4.19 -18.40 -29.80
N GLU A 204 4.97 -18.93 -28.88
CA GLU A 204 6.41 -19.01 -29.04
C GLU A 204 6.99 -20.08 -28.13
N LYS A 205 7.86 -20.88 -28.73
CA LYS A 205 8.45 -22.02 -28.11
C LYS A 205 7.29 -22.84 -27.53
N GLY A 206 7.32 -23.19 -26.26
CA GLY A 206 6.29 -24.13 -25.78
C GLY A 206 5.05 -23.47 -25.20
N TYR A 207 4.88 -22.17 -25.43
CA TYR A 207 3.85 -21.38 -24.72
C TYR A 207 2.90 -20.63 -25.65
N GLN A 208 1.66 -20.50 -25.18
CA GLN A 208 0.79 -19.50 -25.72
C GLN A 208 0.70 -18.36 -24.71
N PHE A 209 0.66 -17.13 -25.19
CA PHE A 209 0.46 -15.99 -24.25
C PHE A 209 -0.45 -14.92 -24.84
N TYR A 210 -1.15 -14.20 -23.96
CA TYR A 210 -2.10 -13.17 -24.34
C TYR A 210 -1.64 -11.87 -23.69
N PHE A 211 -1.47 -10.82 -24.50
CA PHE A 211 -1.39 -9.46 -23.96
C PHE A 211 -2.78 -8.96 -23.47
N THR A 212 -2.83 -8.61 -22.19
CA THR A 212 -4.09 -8.19 -21.56
C THR A 212 -3.90 -6.86 -20.86
N LEU A 213 -5.01 -6.16 -20.61
CA LEU A 213 -5.03 -4.93 -19.85
C LEU A 213 -6.05 -4.99 -18.72
N TYR A 214 -5.59 -4.66 -17.53
CA TYR A 214 -6.45 -4.51 -16.35
C TYR A 214 -6.55 -3.03 -15.94
N THR A 215 -7.77 -2.58 -15.63
CA THR A 215 -8.04 -1.17 -15.28
C THR A 215 -8.74 -1.10 -13.92
N LYS A 216 -8.55 -0.01 -13.17
CA LYS A 216 -9.18 0.09 -11.85
C LYS A 216 -10.72 0.04 -11.93
N LYS A 217 -11.35 -0.70 -11.04
CA LYS A 217 -12.82 -0.76 -10.96
C LYS A 217 -13.31 0.64 -10.58
N LEU A 218 -14.56 0.94 -10.89
CA LEU A 218 -15.19 2.21 -10.48
C LEU A 218 -15.22 2.26 -8.96
N GLU A 219 -15.03 3.45 -8.40
CA GLU A 219 -15.12 3.63 -6.96
C GLU A 219 -16.30 4.53 -6.60
N HIS A 220 -17.00 4.20 -5.51
CA HIS A 220 -17.96 5.10 -4.88
C HIS A 220 -17.33 6.39 -4.36
N HIS A 221 -18.15 7.45 -4.25
CA HIS A 221 -17.73 8.73 -3.73
C HIS A 221 -18.07 8.77 -2.24
N HIS A 222 -17.08 8.45 -1.42
CA HIS A 222 -17.23 8.44 0.03
C HIS A 222 -16.84 9.76 0.70
N HIS A 223 -15.69 10.30 0.31
CA HIS A 223 -15.15 11.55 0.88
C HIS A 223 -14.45 12.17 -0.32
N HIS A 224 -14.63 13.45 -0.57
CA HIS A 224 -13.60 14.36 -1.01
C HIS A 224 -13.06 15.44 -0.11
N HIS A 225 -11.75 15.51 0.04
CA HIS A 225 -11.17 16.46 1.00
C HIS A 225 -11.53 17.92 0.73
N HIS A 226 -12.18 18.56 1.70
CA HIS A 226 -12.41 20.02 1.64
C HIS A 226 -11.65 20.88 2.66
N HIS A 227 -11.34 22.10 2.24
CA HIS A 227 -10.67 23.09 3.11
C HIS A 227 -11.68 23.94 3.86
N LYS B 3 -0.77 -13.65 12.12
CA LYS B 3 -2.00 -13.86 12.93
C LYS B 3 -2.13 -12.87 14.10
N VAL B 4 -1.09 -12.06 14.38
CA VAL B 4 -1.24 -10.89 15.29
C VAL B 4 -2.11 -9.79 14.59
N PRO B 5 -3.23 -9.36 15.21
CA PRO B 5 -4.01 -8.30 14.52
C PRO B 5 -3.27 -6.97 14.46
N VAL B 6 -3.41 -6.27 13.32
CA VAL B 6 -2.87 -4.92 13.05
C VAL B 6 -4.02 -3.88 13.12
N VAL B 7 -3.88 -2.94 14.05
CA VAL B 7 -4.95 -1.97 14.31
C VAL B 7 -4.38 -0.58 14.23
N GLY B 8 -4.91 0.20 13.28
CA GLY B 8 -4.58 1.61 13.22
C GLY B 8 -5.40 2.29 14.30
N ILE B 9 -4.78 3.17 15.05
CA ILE B 9 -5.52 3.93 16.05
C ILE B 9 -5.18 5.42 15.89
N VAL B 10 -6.23 6.26 15.96
CA VAL B 10 -6.09 7.67 15.59
C VAL B 10 -7.26 8.46 16.21
N ALA B 11 -7.01 9.74 16.47
CA ALA B 11 -8.06 10.68 16.83
C ALA B 11 -8.23 11.71 15.69
N ALA B 12 -9.43 11.83 15.15
CA ALA B 12 -9.68 12.62 13.91
C ALA B 12 -10.90 13.54 14.07
N LEU B 13 -10.74 14.78 13.62
CA LEU B 13 -11.82 15.78 13.70
C LEU B 13 -12.72 15.72 12.48
N LEU B 14 -14.00 15.49 12.71
CA LEU B 14 -14.98 15.47 11.63
C LEU B 14 -15.24 16.90 11.14
N PRO B 15 -15.66 17.06 9.88
CA PRO B 15 -15.91 16.06 8.83
C PRO B 15 -14.69 15.67 8.00
N GLU B 16 -13.63 16.49 8.01
CA GLU B 16 -12.46 16.19 7.16
C GLU B 16 -11.50 15.13 7.73
N MET B 17 -11.71 14.70 8.98
CA MET B 17 -10.79 13.76 9.66
C MET B 17 -9.40 14.37 9.78
N GLY B 18 -9.36 15.64 10.18
CA GLY B 18 -8.09 16.29 10.49
C GLY B 18 -7.45 15.66 11.73
N ILE B 19 -6.11 15.50 11.72
CA ILE B 19 -5.42 14.79 12.83
C ILE B 19 -4.25 15.58 13.40
N GLY B 20 -3.84 16.66 12.75
CA GLY B 20 -2.64 17.36 13.26
C GLY B 20 -2.48 18.71 12.63
N PHE B 21 -1.61 19.52 13.23
CA PHE B 21 -1.25 20.84 12.69
C PHE B 21 0.16 21.21 13.20
N GLN B 22 1.01 21.53 12.25
CA GLN B 22 2.39 21.95 12.51
C GLN B 22 3.11 20.99 13.48
N GLY B 23 3.02 19.69 13.17
CA GLY B 23 3.73 18.63 13.91
C GLY B 23 3.17 18.22 15.28
N ASN B 24 2.04 18.82 15.69
CA ASN B 24 1.35 18.54 16.97
C ASN B 24 -0.10 18.15 16.85
N LEU B 25 -0.62 17.52 17.91
CA LEU B 25 -2.06 17.26 18.02
C LEU B 25 -2.83 18.61 18.10
N PRO B 26 -3.97 18.76 17.38
CA PRO B 26 -4.69 20.06 17.41
C PRO B 26 -5.54 20.33 18.66
N TRP B 27 -5.51 19.40 19.62
CA TRP B 27 -6.26 19.47 20.89
C TRP B 27 -5.44 18.76 21.98
N ARG B 28 -5.88 18.97 23.22
CA ARG B 28 -5.29 18.34 24.38
C ARG B 28 -6.43 17.81 25.21
N LEU B 29 -6.73 16.54 25.04
CA LEU B 29 -7.88 16.00 25.66
C LEU B 29 -7.42 14.85 26.52
N ALA B 30 -7.45 15.05 27.85
CA ALA B 30 -6.90 14.05 28.79
C ALA B 30 -7.66 12.74 28.71
N LYS B 31 -8.98 12.80 28.47
CA LYS B 31 -9.76 11.58 28.42
C LYS B 31 -9.47 10.75 27.15
N GLU B 32 -9.16 11.46 26.08
CA GLU B 32 -8.93 10.79 24.79
C GLU B 32 -7.55 10.10 24.91
N MET B 33 -6.60 10.84 25.47
CA MET B 33 -5.25 10.37 25.75
C MET B 33 -5.26 9.18 26.73
N LYS B 34 -6.17 9.22 27.72
CA LYS B 34 -6.37 8.07 28.63
C LYS B 34 -6.81 6.82 27.87
N TYR B 35 -7.79 6.99 26.99
CA TYR B 35 -8.27 5.87 26.16
C TYR B 35 -7.13 5.34 25.34
N PHE B 36 -6.36 6.25 24.72
CA PHE B 36 -5.29 5.82 23.81
C PHE B 36 -4.25 4.95 24.61
N ARG B 37 -3.84 5.51 25.74
CA ARG B 37 -2.92 4.88 26.66
C ARG B 37 -3.40 3.49 27.09
N GLU B 38 -4.63 3.42 27.59
CA GLU B 38 -5.22 2.16 28.05
C GLU B 38 -5.36 1.11 26.98
N VAL B 39 -5.90 1.49 25.83
CA VAL B 39 -6.11 0.56 24.73
C VAL B 39 -4.78 0.01 24.22
N THR B 40 -3.78 0.88 24.04
CA THR B 40 -2.50 0.39 23.51
C THR B 40 -1.64 -0.38 24.52
N THR B 41 -1.85 -0.14 25.81
CA THR B 41 -1.07 -0.80 26.87
C THR B 41 -1.65 -2.12 27.30
N LEU B 42 -2.94 -2.09 27.63
CA LEU B 42 -3.66 -3.25 28.14
C LEU B 42 -3.71 -4.41 27.14
N THR B 43 -3.58 -5.63 27.68
CA THR B 43 -3.73 -6.87 26.93
C THR B 43 -4.72 -7.77 27.66
N ASN B 44 -5.32 -8.70 26.92
CA ASN B 44 -6.12 -9.73 27.50
C ASN B 44 -5.28 -10.77 28.20
N ASP B 45 -4.15 -11.11 27.61
CA ASP B 45 -3.20 -12.01 28.19
C ASP B 45 -2.06 -11.24 28.94
N ASN B 46 -1.99 -11.45 30.27
CA ASN B 46 -0.98 -10.86 31.20
C ASN B 46 0.48 -10.76 30.75
N SER B 47 0.94 -11.52 29.76
CA SER B 47 2.08 -12.43 29.72
C SER B 47 2.58 -11.78 28.39
N LYS B 48 1.64 -11.09 27.71
CA LYS B 48 1.94 -10.34 26.44
C LYS B 48 2.04 -8.82 26.58
N GLN B 49 2.66 -8.19 25.57
CA GLN B 49 2.57 -6.72 25.42
C GLN B 49 2.07 -6.43 24.01
N ASN B 50 1.63 -5.19 23.78
CA ASN B 50 1.36 -4.70 22.42
C ASN B 50 2.58 -3.99 21.85
N VAL B 51 2.63 -3.94 20.52
CA VAL B 51 3.57 -3.10 19.82
C VAL B 51 2.81 -1.82 19.42
N VAL B 52 3.56 -0.71 19.45
CA VAL B 52 3.13 0.56 18.88
C VAL B 52 4.18 0.97 17.86
N ILE B 53 3.71 1.16 16.65
CA ILE B 53 4.54 1.58 15.52
C ILE B 53 4.19 3.03 15.12
N MET B 54 5.22 3.84 14.97
CA MET B 54 5.08 5.24 14.59
C MET B 54 6.17 5.71 13.62
N GLY B 55 5.83 6.69 12.80
CA GLY B 55 6.82 7.32 11.98
C GLY B 55 7.73 8.25 12.80
N ARG B 56 8.90 8.49 12.24
CA ARG B 56 9.92 9.32 12.91
C ARG B 56 9.39 10.68 13.39
N LYS B 57 8.61 11.38 12.55
CA LYS B 57 8.09 12.69 12.95
C LYS B 57 7.17 12.65 14.16
N THR B 58 6.33 11.61 14.22
CA THR B 58 5.48 11.41 15.38
C THR B 58 6.30 11.18 16.66
N TRP B 59 7.30 10.29 16.57
CA TRP B 59 8.23 10.01 17.70
C TRP B 59 8.83 11.33 18.23
N GLU B 60 9.35 12.15 17.31
CA GLU B 60 9.96 13.42 17.67
C GLU B 60 8.97 14.38 18.33
N SER B 61 7.67 14.19 18.08
CA SER B 61 6.67 15.03 18.76
C SER B 61 6.19 14.58 20.13
N ILE B 62 6.42 13.32 20.52
CA ILE B 62 6.06 12.88 21.86
C ILE B 62 7.02 13.57 22.88
N PRO B 63 6.45 14.16 23.95
CA PRO B 63 7.31 14.77 24.96
C PRO B 63 8.38 13.80 25.45
N GLN B 64 9.61 14.27 25.43
CA GLN B 64 10.82 13.49 25.82
C GLN B 64 10.75 12.71 27.13
N LYS B 65 10.05 13.23 28.14
CA LYS B 65 9.94 12.48 29.41
C LYS B 65 8.99 11.31 29.26
N PHE B 66 8.17 11.36 28.23
CA PHE B 66 7.11 10.38 28.05
C PHE B 66 7.40 9.31 26.99
N ARG B 67 8.56 9.38 26.35
CA ARG B 67 8.92 8.37 25.37
C ARG B 67 10.20 7.63 25.83
N PRO B 68 10.32 6.34 25.50
CA PRO B 68 9.30 5.53 24.79
C PRO B 68 8.04 5.30 25.64
N LEU B 69 6.91 5.10 24.97
CA LEU B 69 5.66 4.87 25.63
C LEU B 69 5.83 3.63 26.51
N PRO B 70 5.67 3.80 27.84
CA PRO B 70 5.85 2.68 28.79
C PRO B 70 4.93 1.47 28.53
N LYS B 71 5.47 0.28 28.80
CA LYS B 71 4.69 -0.98 28.84
C LYS B 71 4.23 -1.46 27.45
N ARG B 72 4.78 -0.83 26.41
CA ARG B 72 4.56 -1.23 25.00
C ARG B 72 5.88 -1.29 24.24
N ILE B 73 6.02 -2.24 23.32
CA ILE B 73 7.20 -2.26 22.45
C ILE B 73 7.08 -1.14 21.42
N ASN B 74 7.98 -0.16 21.47
CA ASN B 74 7.95 0.99 20.53
C ASN B 74 8.81 0.71 19.32
N VAL B 75 8.24 0.96 18.12
CA VAL B 75 9.00 0.88 16.85
C VAL B 75 8.88 2.22 16.16
N VAL B 76 10.02 2.78 15.80
CA VAL B 76 10.05 4.02 15.03
C VAL B 76 10.58 3.70 13.64
N VAL B 77 9.89 4.19 12.62
CA VAL B 77 10.27 3.94 11.24
C VAL B 77 10.84 5.20 10.61
N SER B 78 12.01 5.05 10.01
CA SER B 78 12.71 6.14 9.31
C SER B 78 13.42 5.50 8.14
N ARG B 79 13.37 6.15 6.99
CA ARG B 79 14.04 5.57 5.82
C ARG B 79 15.55 5.68 5.95
N SER B 80 16.01 6.50 6.88
CA SER B 80 17.45 6.65 7.12
C SER B 80 18.01 5.63 8.17
N PHE B 81 17.15 4.73 8.70
CA PHE B 81 17.60 3.66 9.61
C PHE B 81 17.88 2.43 8.72
N ASP B 82 18.29 1.26 9.24
CA ASP B 82 19.56 0.56 8.93
C ASP B 82 19.01 -0.80 8.39
N GLY B 83 17.88 -1.27 8.94
CA GLY B 83 17.07 -2.38 8.33
C GLY B 83 15.92 -2.50 9.29
N GLU B 84 15.33 -3.67 9.51
CA GLU B 84 14.03 -4.07 8.99
C GLU B 84 13.35 -4.00 10.41
N LEU B 85 14.15 -4.37 11.42
CA LEU B 85 13.69 -4.34 12.80
C LEU B 85 14.92 -4.53 13.70
N ARG B 86 15.43 -3.44 14.25
CA ARG B 86 16.68 -3.47 15.00
C ARG B 86 16.42 -2.91 16.40
N LYS B 87 16.86 -3.60 17.45
CA LYS B 87 16.80 -3.00 18.79
C LYS B 87 17.86 -1.94 18.90
N VAL B 88 17.46 -0.73 19.29
CA VAL B 88 18.41 0.38 19.46
C VAL B 88 18.55 0.82 20.92
N GLU B 89 17.54 0.59 21.76
CA GLU B 89 17.58 0.90 23.20
C GLU B 89 16.46 0.14 23.87
N ASP B 90 16.46 0.13 25.21
CA ASP B 90 15.44 -0.57 25.96
C ASP B 90 14.09 0.01 25.58
N GLY B 91 13.23 -0.85 25.03
CA GLY B 91 11.88 -0.43 24.69
C GLY B 91 11.78 0.18 23.31
N ILE B 92 12.93 0.28 22.61
CA ILE B 92 12.98 0.93 21.31
C ILE B 92 13.61 0.10 20.16
N TYR B 93 12.80 -0.12 19.13
CA TYR B 93 13.26 -0.71 17.88
C TYR B 93 13.19 0.31 16.78
N HIS B 94 14.18 0.24 15.89
CA HIS B 94 14.18 1.06 14.67
C HIS B 94 13.99 0.20 13.45
N SER B 95 13.14 0.67 12.54
CA SER B 95 12.95 0.03 11.24
C SER B 95 13.04 1.02 10.09
N ASN B 96 13.57 0.56 8.97
CA ASN B 96 13.59 1.37 7.75
C ASN B 96 12.45 1.11 6.81
N SER B 97 11.42 0.40 7.31
CA SER B 97 10.34 -0.06 6.47
C SER B 97 9.06 -0.46 7.25
N LEU B 98 8.00 0.36 7.15
CA LEU B 98 6.65 0.01 7.74
C LEU B 98 6.48 -1.49 7.50
N ARG B 99 6.65 -1.99 6.25
CA ARG B 99 5.84 -3.05 5.67
C ARG B 99 6.73 -4.28 6.16
N ASN B 100 8.05 -4.15 6.01
CA ASN B 100 9.00 -5.21 6.46
C ASN B 100 9.04 -5.31 7.99
N CYS B 101 8.85 -4.17 8.65
CA CYS B 101 8.66 -4.12 10.08
C CYS B 101 7.65 -5.23 10.46
N LEU B 102 6.57 -5.41 9.72
CA LEU B 102 5.26 -5.62 10.24
C LEU B 102 5.38 -7.19 9.99
N THR B 103 5.97 -7.57 8.84
CA THR B 103 6.33 -9.02 8.59
C THR B 103 7.28 -9.59 9.66
N ALA B 104 8.31 -8.82 10.01
CA ALA B 104 9.26 -9.27 11.02
C ALA B 104 8.56 -9.47 12.35
N LEU B 105 7.70 -8.53 12.74
CA LEU B 105 7.03 -8.69 14.04
C LEU B 105 5.91 -9.72 14.11
N GLN B 106 5.24 -10.03 12.99
CA GLN B 106 4.68 -11.40 12.76
C GLN B 106 5.37 -12.75 12.85
N SER B 107 6.70 -12.81 12.79
CA SER B 107 7.39 -14.08 12.92
C SER B 107 7.18 -14.66 14.34
N SER B 108 6.54 -15.83 14.43
CA SER B 108 6.35 -16.57 15.72
C SER B 108 7.71 -16.91 16.35
N LEU B 109 8.68 -17.10 15.50
CA LEU B 109 10.02 -17.41 15.95
C LEU B 109 10.64 -16.20 16.65
N ALA B 110 10.57 -15.03 16.02
CA ALA B 110 11.12 -13.79 16.63
C ALA B 110 10.37 -13.39 17.90
N ASN B 111 9.06 -13.62 17.89
CA ASN B 111 8.16 -12.96 18.85
C ASN B 111 7.46 -13.88 19.87
N GLU B 112 7.54 -15.23 19.69
CA GLU B 112 7.60 -16.19 20.88
C GLU B 112 6.09 -16.19 21.23
N ASN B 113 5.28 -15.90 20.22
CA ASN B 113 3.88 -15.56 20.40
C ASN B 113 3.53 -14.72 21.66
N LYS B 114 4.35 -13.72 21.99
CA LYS B 114 4.09 -12.77 23.12
C LYS B 114 3.76 -11.29 22.77
N ILE B 115 3.37 -11.00 21.53
CA ILE B 115 2.74 -9.72 21.10
C ILE B 115 1.30 -10.20 21.07
N GLU B 116 0.39 -9.61 21.83
CA GLU B 116 -1.00 -9.43 21.45
C GLU B 116 -1.53 -8.73 20.23
N ARG B 117 -1.33 -7.40 20.15
CA ARG B 117 -1.70 -6.63 18.98
C ARG B 117 -0.59 -5.69 18.60
N ILE B 118 -0.62 -5.31 17.33
CA ILE B 118 0.26 -4.29 16.76
C ILE B 118 -0.61 -3.07 16.44
N TYR B 119 -0.42 -1.99 17.21
CA TYR B 119 -1.06 -0.73 16.99
C TYR B 119 -0.18 0.23 16.17
N ILE B 120 -0.78 0.76 15.12
CA ILE B 120 -0.15 1.80 14.30
C ILE B 120 -0.72 3.14 14.81
N ILE B 121 0.18 3.93 15.35
CA ILE B 121 -0.18 5.10 16.17
C ILE B 121 0.18 6.45 15.52
N GLY B 122 0.54 6.41 14.23
CA GLY B 122 0.66 7.64 13.41
C GLY B 122 2.04 7.86 12.85
N GLY B 123 2.27 8.94 12.09
CA GLY B 123 1.31 10.02 11.82
C GLY B 123 0.74 9.93 10.41
N GLY B 124 0.52 11.08 9.75
CA GLY B 124 -0.21 11.14 8.48
C GLY B 124 0.33 10.22 7.39
N GLU B 125 1.62 10.28 7.17
CA GLU B 125 2.24 9.51 6.09
C GLU B 125 2.20 8.00 6.42
N ILE B 126 2.36 7.70 7.71
CA ILE B 126 2.26 6.29 8.17
C ILE B 126 0.85 5.75 7.94
N TYR B 127 -0.17 6.53 8.36
CA TYR B 127 -1.57 6.13 8.18
C TYR B 127 -1.98 5.93 6.72
N ARG B 128 -1.54 6.82 5.82
CA ARG B 128 -1.79 6.65 4.36
C ARG B 128 -1.36 5.26 3.88
N GLN B 129 -0.19 4.85 4.34
CA GLN B 129 0.39 3.56 3.94
C GLN B 129 -0.23 2.38 4.68
N SER B 130 -1.07 2.63 5.69
CA SER B 130 -1.61 1.55 6.54
C SER B 130 -3.00 1.08 6.14
N MET B 131 -3.64 1.77 5.20
CA MET B 131 -5.03 1.42 4.80
C MET B 131 -5.11 -0.01 4.31
N ASP B 132 -4.00 -0.40 3.72
CA ASP B 132 -3.81 -1.63 3.01
C ASP B 132 -3.33 -2.68 3.99
N LEU B 133 -2.89 -2.26 5.16
CA LEU B 133 -2.20 -3.15 6.10
C LEU B 133 -3.02 -3.45 7.37
N ALA B 134 -3.85 -2.50 7.83
CA ALA B 134 -4.58 -2.67 9.07
C ALA B 134 -5.73 -3.63 8.90
N ASP B 135 -6.00 -4.43 9.93
CA ASP B 135 -7.18 -5.28 9.95
C ASP B 135 -8.36 -4.47 10.48
N HIS B 136 -8.08 -3.48 11.33
CA HIS B 136 -9.12 -2.72 11.98
C HIS B 136 -8.60 -1.30 12.09
N TRP B 137 -9.51 -0.36 12.33
CA TRP B 137 -9.16 0.97 12.79
C TRP B 137 -9.97 1.34 14.02
N LEU B 138 -9.27 1.83 15.05
CA LEU B 138 -9.93 2.47 16.21
C LEU B 138 -9.84 3.95 15.97
N ILE B 139 -10.97 4.57 15.60
CA ILE B 139 -10.98 6.01 15.31
C ILE B 139 -11.80 6.73 16.36
N THR B 140 -11.19 7.70 17.03
CA THR B 140 -11.94 8.65 17.85
C THR B 140 -12.45 9.82 16.97
N LYS B 141 -13.75 9.90 16.78
CA LYS B 141 -14.32 10.91 15.91
C LYS B 141 -14.62 12.13 16.79
N ILE B 142 -13.97 13.25 16.49
CA ILE B 142 -14.07 14.41 17.35
C ILE B 142 -14.90 15.52 16.59
N MET B 143 -15.82 16.15 17.31
CA MET B 143 -16.70 17.19 16.79
C MET B 143 -16.62 18.35 17.76
N PRO B 144 -16.34 19.57 17.24
CA PRO B 144 -16.40 20.79 18.08
C PRO B 144 -17.85 20.99 18.51
N LEU B 145 -18.06 21.29 19.78
CA LEU B 145 -19.39 21.63 20.27
C LEU B 145 -19.82 22.96 19.61
N PRO B 146 -21.14 23.25 19.58
CA PRO B 146 -21.61 24.43 18.85
C PRO B 146 -20.81 25.76 18.97
N GLU B 147 -20.40 26.20 20.16
CA GLU B 147 -19.61 27.46 20.17
C GLU B 147 -18.08 27.28 20.19
N THR B 148 -17.61 26.08 19.84
CA THR B 148 -16.17 25.79 19.75
C THR B 148 -15.74 26.32 18.39
N THR B 149 -14.78 27.24 18.36
CA THR B 149 -13.67 27.14 17.34
C THR B 149 -13.13 25.86 16.72
N ILE B 150 -13.42 25.67 15.44
CA ILE B 150 -12.79 24.60 14.67
C ILE B 150 -11.28 24.87 14.60
N PRO B 151 -10.46 23.94 15.12
CA PRO B 151 -9.03 24.21 15.07
C PRO B 151 -8.44 24.09 13.64
N GLN B 152 -7.38 24.86 13.35
CA GLN B 152 -6.66 24.74 12.04
C GLN B 152 -5.95 23.37 12.00
N MET B 153 -5.92 22.74 10.83
CA MET B 153 -5.24 21.45 10.68
C MET B 153 -4.56 21.39 9.31
N ASP B 154 -3.46 20.65 9.22
CA ASP B 154 -2.72 20.47 7.98
C ASP B 154 -2.42 18.99 7.62
N THR B 155 -3.01 18.04 8.34
CA THR B 155 -2.77 16.60 8.12
C THR B 155 -4.09 15.90 8.36
N PHE B 156 -4.40 14.93 7.49
CA PHE B 156 -5.75 14.35 7.42
C PHE B 156 -5.67 12.84 7.24
N LEU B 157 -6.54 12.13 7.95
CA LEU B 157 -6.77 10.72 7.62
C LEU B 157 -7.43 10.63 6.25
N GLN B 158 -7.12 9.60 5.46
CA GLN B 158 -7.78 9.44 4.15
C GLN B 158 -9.14 8.76 4.31
N LYS B 159 -10.17 9.57 4.49
CA LYS B 159 -11.50 9.07 4.83
C LYS B 159 -12.06 8.28 3.65
N GLN B 160 -11.66 8.66 2.43
CA GLN B 160 -12.17 7.95 1.20
C GLN B 160 -11.73 6.48 1.19
N GLU B 161 -10.43 6.27 1.33
CA GLU B 161 -9.84 4.92 1.38
C GLU B 161 -10.32 4.11 2.58
N LEU B 162 -10.48 4.75 3.74
CA LEU B 162 -11.12 4.09 4.88
C LEU B 162 -12.51 3.52 4.51
N GLU B 163 -13.37 4.36 3.96
CA GLU B 163 -14.76 3.93 3.68
C GLU B 163 -14.87 2.97 2.49
N GLN B 164 -13.95 3.02 1.54
CA GLN B 164 -13.82 1.94 0.54
C GLN B 164 -13.55 0.55 1.16
N ARG B 165 -12.63 0.50 2.13
CA ARG B 165 -12.07 -0.77 2.63
C ARG B 165 -12.69 -1.31 3.92
N PHE B 166 -13.24 -0.42 4.73
CA PHE B 166 -13.70 -0.76 6.08
C PHE B 166 -15.12 -0.29 6.24
N TYR B 167 -15.83 -0.91 7.18
CA TYR B 167 -17.20 -0.52 7.47
C TYR B 167 -17.22 -0.17 8.94
N ASP B 168 -18.23 0.60 9.35
CA ASP B 168 -18.37 1.03 10.74
C ASP B 168 -18.89 -0.13 11.58
N ASN B 169 -17.97 -0.71 12.36
CA ASN B 169 -18.21 -1.89 13.20
C ASN B 169 -18.37 -1.53 14.68
N SER B 170 -18.74 -0.28 14.97
CA SER B 170 -18.71 0.22 16.36
C SER B 170 -19.65 -0.53 17.30
N ASP B 171 -20.61 -1.26 16.76
CA ASP B 171 -21.44 -2.17 17.57
C ASP B 171 -20.58 -3.20 18.33
N LYS B 172 -19.42 -3.56 17.78
CA LYS B 172 -18.58 -4.54 18.42
C LYS B 172 -17.39 -3.91 19.17
N LEU B 173 -17.41 -2.59 19.34
CA LEU B 173 -16.25 -1.92 19.97
C LEU B 173 -15.96 -2.45 21.38
N VAL B 174 -16.98 -2.45 22.23
CA VAL B 174 -16.82 -2.98 23.60
C VAL B 174 -16.17 -4.36 23.65
N ASP B 175 -16.70 -5.29 22.86
CA ASP B 175 -16.14 -6.64 22.71
C ASP B 175 -14.68 -6.62 22.26
N PHE B 176 -14.34 -5.69 21.36
CA PHE B 176 -13.01 -5.61 20.72
C PHE B 176 -11.90 -5.10 21.64
N LEU B 177 -12.22 -4.19 22.58
CA LEU B 177 -11.19 -3.63 23.47
C LEU B 177 -10.78 -4.62 24.58
N PRO B 178 -9.53 -4.48 25.09
CA PRO B 178 -9.12 -5.36 26.20
C PRO B 178 -10.17 -5.34 27.32
N SER B 179 -10.42 -6.50 27.93
CA SER B 179 -11.53 -6.70 28.87
C SER B 179 -11.46 -5.69 29.99
N SER B 180 -10.23 -5.37 30.32
CA SER B 180 -9.83 -4.50 31.40
C SER B 180 -10.41 -3.09 31.33
N ILE B 181 -10.53 -2.53 30.13
CA ILE B 181 -10.86 -1.13 29.98
C ILE B 181 -12.30 -0.83 30.45
N GLN B 182 -12.52 0.36 30.98
CA GLN B 182 -13.89 0.76 31.26
C GLN B 182 -14.22 2.10 30.61
N LEU B 183 -15.37 2.14 29.96
CA LEU B 183 -15.81 3.36 29.29
C LEU B 183 -16.91 4.00 30.12
N GLU B 184 -17.12 5.31 29.99
CA GLU B 184 -18.28 5.96 30.66
C GLU B 184 -19.37 5.94 29.62
N GLY B 185 -18.96 5.83 28.34
CA GLY B 185 -19.96 5.92 27.19
C GLY B 185 -21.15 5.05 27.48
N ARG B 186 -22.43 5.08 26.79
CA ARG B 186 -22.39 3.95 25.75
C ARG B 186 -23.22 4.35 24.55
N LEU B 187 -23.69 3.35 23.78
CA LEU B 187 -23.27 3.14 22.44
C LEU B 187 -24.55 3.75 21.83
N THR B 188 -24.53 4.53 20.76
CA THR B 188 -24.98 5.93 20.63
C THR B 188 -24.80 6.17 19.16
N SER B 189 -25.90 6.52 18.52
CA SER B 189 -25.92 6.79 17.10
C SER B 189 -26.55 8.20 16.91
N GLN B 190 -25.75 9.14 16.38
CA GLN B 190 -26.07 10.56 16.33
C GLN B 190 -25.77 11.05 14.94
N GLU B 191 -26.68 11.83 14.36
CA GLU B 191 -26.38 12.47 13.10
C GLU B 191 -25.53 13.73 13.34
N TRP B 192 -24.47 13.92 12.54
CA TRP B 192 -23.71 15.15 12.65
C TRP B 192 -23.20 15.64 11.33
N ASN B 193 -23.70 16.81 10.97
CA ASN B 193 -23.46 17.40 9.66
C ASN B 193 -23.51 16.59 8.33
N GLY B 194 -24.60 15.91 7.98
CA GLY B 194 -25.18 14.83 8.75
C GLY B 194 -24.53 13.58 8.13
N GLU B 195 -23.41 13.17 8.73
CA GLU B 195 -22.99 11.79 8.63
C GLU B 195 -23.47 11.08 9.92
N LEU B 196 -23.62 9.74 9.83
CA LEU B 196 -23.94 8.97 11.01
C LEU B 196 -22.69 8.68 11.86
N VAL B 197 -22.81 9.01 13.14
CA VAL B 197 -21.72 8.84 14.07
C VAL B 197 -22.09 8.05 15.30
N LYS B 198 -21.37 6.96 15.61
CA LYS B 198 -21.84 5.68 16.13
C LYS B 198 -20.61 5.24 16.98
N GLY B 199 -20.78 4.98 18.28
CA GLY B 199 -19.75 4.42 19.20
C GLY B 199 -20.05 5.26 20.42
N LEU B 200 -19.05 5.67 21.18
CA LEU B 200 -19.04 5.47 22.60
C LEU B 200 -18.67 6.83 23.22
N PRO B 201 -19.62 7.64 23.67
CA PRO B 201 -19.48 9.08 23.43
C PRO B 201 -18.77 9.69 24.72
N VAL B 202 -18.03 10.77 24.53
CA VAL B 202 -17.49 11.55 25.66
C VAL B 202 -17.40 13.05 25.33
N GLN B 203 -17.50 13.90 26.37
CA GLN B 203 -17.32 15.34 26.21
C GLN B 203 -16.15 15.83 27.08
N GLU B 204 -15.31 16.69 26.51
CA GLU B 204 -14.24 17.30 27.25
C GLU B 204 -13.81 18.58 26.54
N LYS B 205 -13.56 19.61 27.35
CA LYS B 205 -13.20 20.94 26.89
C LYS B 205 -14.26 21.36 25.83
N GLY B 206 -13.85 21.86 24.67
CA GLY B 206 -14.92 22.27 23.75
C GLY B 206 -15.51 21.22 22.81
N TYR B 207 -15.25 19.92 23.09
CA TYR B 207 -15.51 18.86 22.10
C TYR B 207 -16.39 17.75 22.61
N GLN B 208 -17.21 17.20 21.71
CA GLN B 208 -17.76 15.89 21.89
C GLN B 208 -16.96 14.91 21.02
N PHE B 209 -16.74 13.70 21.53
CA PHE B 209 -16.00 12.67 20.74
C PHE B 209 -16.53 11.28 20.97
N TYR B 210 -16.39 10.44 19.95
CA TYR B 210 -16.97 9.13 19.98
C TYR B 210 -15.84 8.16 19.69
N PHE B 211 -15.72 7.14 20.53
CA PHE B 211 -14.79 6.03 20.25
C PHE B 211 -15.52 5.09 19.30
N THR B 212 -14.89 4.85 18.15
CA THR B 212 -15.46 4.00 17.06
C THR B 212 -14.48 2.90 16.61
N LEU B 213 -15.03 1.87 16.00
CA LEU B 213 -14.26 0.77 15.41
C LEU B 213 -14.67 0.49 13.96
N TYR B 214 -13.67 0.41 13.10
CA TYR B 214 -13.83 0.11 11.69
C TYR B 214 -13.13 -1.23 11.41
N THR B 215 -13.83 -2.09 10.66
CA THR B 215 -13.36 -3.44 10.38
C THR B 215 -13.38 -3.66 8.87
N LYS B 216 -12.44 -4.47 8.37
CA LYS B 216 -12.37 -4.76 6.93
C LYS B 216 -13.69 -5.33 6.40
N LYS B 217 -14.16 -4.78 5.29
CA LYS B 217 -15.34 -5.29 4.58
C LYS B 217 -15.06 -6.71 4.10
N LEU B 218 -16.13 -7.49 3.94
CA LEU B 218 -16.02 -8.87 3.43
C LEU B 218 -15.38 -8.79 2.04
N GLU B 219 -14.59 -9.79 1.69
CA GLU B 219 -13.96 -9.86 0.38
C GLU B 219 -14.34 -11.12 -0.37
N HIS B 220 -14.49 -10.98 -1.68
CA HIS B 220 -14.75 -12.09 -2.56
C HIS B 220 -13.52 -12.99 -2.64
N HIS B 221 -13.76 -14.26 -3.00
CA HIS B 221 -12.69 -15.23 -3.18
C HIS B 221 -12.31 -15.28 -4.69
N HIS B 222 -11.29 -14.53 -5.07
CA HIS B 222 -10.86 -14.48 -6.45
C HIS B 222 -9.76 -15.50 -6.72
N HIS B 223 -8.81 -15.59 -5.79
CA HIS B 223 -7.64 -16.44 -5.98
C HIS B 223 -7.08 -16.83 -4.65
N HIS B 224 -6.72 -18.11 -4.51
CA HIS B 224 -5.95 -18.60 -3.35
C HIS B 224 -4.69 -19.26 -3.90
N HIS B 225 -3.52 -18.84 -3.43
CA HIS B 225 -2.29 -19.33 -4.03
C HIS B 225 -2.11 -20.83 -3.80
N HIS B 226 -1.85 -21.61 -4.87
CA HIS B 226 -1.51 -23.04 -4.74
C HIS B 226 -0.14 -23.39 -5.32
N HIS B 227 0.49 -24.40 -4.74
CA HIS B 227 1.80 -24.89 -5.21
C HIS B 227 1.69 -25.85 -6.39
#